data_2P94
#
_entry.id   2P94
#
_cell.length_a   57.029
_cell.length_b   72.546
_cell.length_c   78.489
_cell.angle_alpha   90.00
_cell.angle_beta   90.00
_cell.angle_gamma   90.00
#
_symmetry.space_group_name_H-M   'P 21 21 21'
#
loop_
_entity.id
_entity.type
_entity.pdbx_description
1 polymer 'Factor Xa'
2 polymer 'Factor Xa'
3 non-polymer '3-CHLORO-N-((1R,2S) -2-(4-(2-OXOPYRIDIN-1(2H)-YL)BENZAMIDO)CYCLOHEXYL)-1H-INDOLE-6-CARBOXAMIDE'
4 water water
#
loop_
_entity_poly.entity_id
_entity_poly.type
_entity_poly.pdbx_seq_one_letter_code
_entity_poly.pdbx_strand_id
1 'polypeptide(L)'
;IVGGQECKDGECPWQALLINEENEGFCGGTILSEFYILTAAHCLYQAKRFKVRVGDRNTEQEEGGEAVHEVEVVIKHNRF
TKETYDFDIAVLRLKTPITFRMNVAPACLPERDWAESTLMTQKTGIVSGFGRTHEKGRQSTRLKMLEVPYVDRNSCKLSS
SFIITQNMFCAGYDTKQEDACQGDSGGPHVTRFKDTYFVTGIVSWGEGCARKGKYGIYTKVTAFLKWIDRSMKT
;
A
2 'polypeptide(L)' KLCSLDNGDCDQFCHEEQNSVVCSCARGYTLADNGKACIPTGPYPCGKQTLE L
#
loop_
_chem_comp.id
_chem_comp.type
_chem_comp.name
_chem_comp.formula
ME4 non-polymer '3-CHLORO-N-((1R,2S) -2-(4-(2-OXOPYRIDIN-1(2H)-YL)BENZAMIDO)CYCLOHEXYL)-1H-INDOLE-6-CARBOXAMIDE' 'C27 H25 Cl N4 O3'
#
# COMPACT_ATOMS: atom_id res chain seq x y z
N ILE A 1 -9.16 -3.55 -10.38
CA ILE A 1 -9.45 -4.71 -9.49
C ILE A 1 -10.53 -5.58 -10.10
N VAL A 2 -10.21 -6.85 -10.31
CA VAL A 2 -11.17 -7.81 -10.85
C VAL A 2 -11.72 -8.55 -9.65
N GLY A 3 -13.03 -8.54 -9.50
CA GLY A 3 -13.64 -9.19 -8.37
C GLY A 3 -13.60 -8.22 -7.20
N GLY A 4 -13.38 -8.73 -6.00
CA GLY A 4 -13.33 -7.86 -4.84
C GLY A 4 -14.60 -7.07 -4.65
N GLN A 5 -14.58 -6.11 -3.74
CA GLN A 5 -15.75 -5.27 -3.47
C GLN A 5 -15.36 -3.79 -3.50
N GLU A 6 -16.33 -2.92 -3.75
CA GLU A 6 -15.99 -1.50 -3.78
C GLU A 6 -15.72 -1.08 -2.35
N CYS A 7 -14.82 -0.11 -2.19
CA CYS A 7 -14.48 0.38 -0.87
C CYS A 7 -15.61 1.25 -0.34
N LYS A 8 -16.20 0.84 0.77
CA LYS A 8 -17.28 1.62 1.35
C LYS A 8 -16.69 2.85 2.01
N ASP A 9 -17.55 3.74 2.51
CA ASP A 9 -17.13 5.00 3.11
C ASP A 9 -16.13 4.84 4.24
N GLY A 10 -14.94 5.41 4.04
CA GLY A 10 -13.88 5.36 5.04
C GLY A 10 -13.10 4.06 5.18
N GLU A 11 -13.32 3.10 4.29
CA GLU A 11 -12.62 1.83 4.40
C GLU A 11 -11.19 1.83 3.84
N CYS A 12 -10.91 2.70 2.88
CA CYS A 12 -9.58 2.79 2.26
C CYS A 12 -9.17 4.25 2.18
N PRO A 13 -8.98 4.90 3.33
CA PRO A 13 -8.61 6.31 3.38
C PRO A 13 -7.21 6.66 2.89
N TRP A 14 -6.32 5.66 2.82
CA TRP A 14 -4.95 5.87 2.38
C TRP A 14 -4.70 5.78 0.89
N GLN A 15 -5.74 5.49 0.11
CA GLN A 15 -5.58 5.38 -1.34
C GLN A 15 -5.36 6.74 -1.98
N ALA A 16 -4.43 6.77 -2.93
CA ALA A 16 -4.11 7.99 -3.65
C ALA A 16 -4.26 7.64 -5.12
N LEU A 17 -4.48 8.67 -5.95
CA LEU A 17 -4.65 8.47 -7.37
C LEU A 17 -3.85 9.49 -8.18
N LEU A 18 -3.07 9.00 -9.13
CA LEU A 18 -2.27 9.87 -9.98
C LEU A 18 -3.11 10.19 -11.22
N ILE A 19 -3.31 11.48 -11.44
CA ILE A 19 -4.11 11.99 -12.55
C ILE A 19 -3.26 12.84 -13.48
N ASN A 20 -3.40 12.61 -14.78
CA ASN A 20 -2.65 13.37 -15.77
C ASN A 20 -3.32 14.70 -16.09
N GLU A 21 -2.87 15.31 -17.17
CA GLU A 21 -3.39 16.60 -17.64
C GLU A 21 -4.88 16.56 -17.92
N GLU A 22 -5.38 15.39 -18.29
CA GLU A 22 -6.80 15.21 -18.61
C GLU A 22 -7.64 14.79 -17.40
N ASN A 23 -7.10 15.00 -16.21
CA ASN A 23 -7.77 14.64 -14.95
C ASN A 23 -8.16 13.17 -14.81
N GLU A 24 -7.50 12.29 -15.54
CA GLU A 24 -7.81 10.87 -15.47
C GLU A 24 -6.75 10.06 -14.72
N GLY A 25 -7.21 9.12 -13.90
CA GLY A 25 -6.30 8.29 -13.12
C GLY A 25 -5.61 7.25 -13.97
N PHE A 26 -4.29 7.17 -13.83
CA PHE A 26 -3.50 6.20 -14.58
C PHE A 26 -2.72 5.28 -13.64
N CYS A 27 -2.59 5.69 -12.37
CA CYS A 27 -1.89 4.89 -11.36
C CYS A 27 -2.38 5.19 -9.94
N GLY A 28 -2.05 4.31 -9.01
CA GLY A 28 -2.46 4.50 -7.64
C GLY A 28 -1.31 4.91 -6.75
N GLY A 29 -1.63 5.23 -5.50
CA GLY A 29 -0.62 5.62 -4.56
C GLY A 29 -1.07 5.32 -3.15
N THR A 30 -0.17 5.43 -2.18
CA THR A 30 -0.51 5.20 -0.79
C THR A 30 -0.10 6.43 0.00
N ILE A 31 -1.03 6.95 0.80
CA ILE A 31 -0.72 8.11 1.61
C ILE A 31 0.12 7.66 2.80
N LEU A 32 1.29 8.27 2.97
CA LEU A 32 2.18 7.92 4.07
C LEU A 32 2.14 8.96 5.18
N SER A 33 1.88 10.21 4.79
CA SER A 33 1.82 11.31 5.75
C SER A 33 1.20 12.51 5.04
N GLU A 34 1.07 13.62 5.74
CA GLU A 34 0.45 14.78 5.10
C GLU A 34 1.26 15.30 3.92
N PHE A 35 2.54 14.94 3.86
CA PHE A 35 3.40 15.39 2.76
C PHE A 35 3.90 14.34 1.77
N TYR A 36 3.73 13.06 2.07
CA TYR A 36 4.25 12.01 1.18
C TYR A 36 3.32 10.95 0.63
N ILE A 37 3.56 10.59 -0.62
CA ILE A 37 2.80 9.54 -1.27
C ILE A 37 3.81 8.49 -1.71
N LEU A 38 3.43 7.23 -1.57
CA LEU A 38 4.25 6.09 -1.98
C LEU A 38 3.62 5.54 -3.24
N THR A 39 4.45 5.20 -4.22
CA THR A 39 3.93 4.64 -5.48
C THR A 39 5.02 3.83 -6.19
N ALA A 40 4.68 3.36 -7.39
CA ALA A 40 5.61 2.58 -8.18
C ALA A 40 6.45 3.51 -9.04
N ALA A 41 7.72 3.17 -9.21
CA ALA A 41 8.60 3.97 -10.03
C ALA A 41 8.16 3.93 -11.50
N HIS A 42 7.72 2.78 -11.97
CA HIS A 42 7.29 2.63 -13.36
C HIS A 42 6.14 3.55 -13.74
N CYS A 43 5.45 4.09 -12.74
CA CYS A 43 4.33 4.97 -12.99
C CYS A 43 4.82 6.33 -13.47
N LEU A 44 6.03 6.69 -13.07
CA LEU A 44 6.59 7.98 -13.46
C LEU A 44 6.79 8.10 -14.96
N TYR A 45 6.73 6.98 -15.67
CA TYR A 45 6.90 6.97 -17.12
C TYR A 45 5.57 7.18 -17.83
N GLN A 46 4.49 6.67 -17.24
CA GLN A 46 3.16 6.76 -17.83
C GLN A 46 2.58 8.16 -18.03
N ALA A 47 3.28 9.19 -17.55
CA ALA A 47 2.78 10.56 -17.71
C ALA A 47 3.90 11.61 -17.67
N LYS A 48 3.64 12.75 -18.31
CA LYS A 48 4.61 13.85 -18.36
C LYS A 48 4.47 14.74 -17.13
N ARG A 49 3.27 15.24 -16.89
CA ARG A 49 3.00 16.08 -15.74
C ARG A 49 1.76 15.51 -15.06
N PHE A 50 1.83 15.23 -13.76
CA PHE A 50 0.69 14.65 -13.05
C PHE A 50 0.49 15.26 -11.65
N LYS A 51 -0.74 15.11 -11.14
CA LYS A 51 -1.09 15.60 -9.81
C LYS A 51 -1.61 14.41 -9.00
N VAL A 52 -1.87 14.64 -7.72
CA VAL A 52 -2.34 13.57 -6.87
C VAL A 52 -3.66 13.91 -6.24
N ARG A 53 -4.66 13.05 -6.45
CA ARG A 53 -5.98 13.25 -5.88
C ARG A 53 -6.22 12.31 -4.70
N VAL A 54 -6.69 12.87 -3.59
CA VAL A 54 -6.96 12.08 -2.41
C VAL A 54 -8.42 12.21 -1.97
N GLY A 55 -8.90 11.17 -1.29
CA GLY A 55 -10.26 11.16 -0.78
C GLY A 55 -11.38 10.89 -1.76
N ASP A 56 -11.06 10.40 -2.95
CA ASP A 56 -12.10 10.13 -3.93
C ASP A 56 -12.49 8.65 -3.94
N ARG A 57 -13.75 8.37 -4.26
CA ARG A 57 -14.25 7.00 -4.33
C ARG A 57 -15.05 6.80 -5.60
N ASN A 58 -15.48 7.90 -6.19
CA ASN A 58 -16.25 7.87 -7.43
C ASN A 58 -15.70 8.95 -8.38
N THR A 59 -15.00 8.50 -9.41
CA THR A 59 -14.39 9.38 -10.40
C THR A 59 -15.39 10.26 -11.16
N GLU A 60 -16.57 9.72 -11.42
CA GLU A 60 -17.60 10.45 -12.16
C GLU A 60 -17.91 11.83 -11.60
N GLN A 61 -18.68 11.86 -10.52
CA GLN A 61 -19.06 13.13 -9.91
C GLN A 61 -18.18 13.59 -8.76
N GLU A 62 -17.90 14.89 -8.72
CA GLU A 62 -17.09 15.48 -7.68
C GLU A 62 -17.90 15.38 -6.40
N GLU A 63 -17.57 14.36 -5.61
CA GLU A 63 -18.25 14.06 -4.36
C GLU A 63 -18.27 15.19 -3.33
N GLY A 64 -17.14 15.87 -3.16
CA GLY A 64 -17.07 16.96 -2.20
C GLY A 64 -15.98 16.78 -1.16
N GLY A 65 -15.55 15.54 -0.95
CA GLY A 65 -14.51 15.29 0.03
C GLY A 65 -13.13 15.03 -0.56
N GLU A 66 -12.99 15.18 -1.87
CA GLU A 66 -11.70 14.94 -2.50
C GLU A 66 -10.87 16.22 -2.60
N ALA A 67 -9.58 16.05 -2.87
CA ALA A 67 -8.67 17.17 -3.00
C ALA A 67 -7.50 16.80 -3.89
N VAL A 68 -7.08 17.75 -4.72
CA VAL A 68 -5.98 17.55 -5.63
C VAL A 68 -4.74 18.23 -5.06
N HIS A 69 -3.60 17.57 -5.20
CA HIS A 69 -2.35 18.10 -4.68
C HIS A 69 -1.28 18.04 -5.74
N GLU A 70 -0.48 19.10 -5.82
CA GLU A 70 0.61 19.18 -6.77
C GLU A 70 1.85 18.54 -6.18
N VAL A 71 2.65 17.93 -7.04
CA VAL A 71 3.88 17.27 -6.60
C VAL A 71 5.03 18.26 -6.58
N GLU A 72 5.70 18.35 -5.45
CA GLU A 72 6.83 19.25 -5.30
C GLU A 72 8.12 18.57 -5.74
N VAL A 73 8.32 17.35 -5.26
CA VAL A 73 9.51 16.59 -5.59
C VAL A 73 9.19 15.13 -5.85
N VAL A 74 9.76 14.59 -6.93
CA VAL A 74 9.58 13.19 -7.28
C VAL A 74 10.87 12.46 -6.92
N ILE A 75 10.78 11.46 -6.04
CA ILE A 75 11.96 10.71 -5.63
C ILE A 75 11.90 9.31 -6.21
N LYS A 76 12.56 9.12 -7.35
CA LYS A 76 12.55 7.83 -8.02
C LYS A 76 13.75 6.99 -7.63
N HIS A 77 13.52 5.72 -7.29
CA HIS A 77 14.61 4.83 -6.92
C HIS A 77 15.54 4.71 -8.12
N ASN A 78 16.80 5.06 -7.92
CA ASN A 78 17.79 5.01 -8.99
C ASN A 78 18.15 3.65 -9.57
N ARG A 79 17.77 2.57 -8.90
CA ARG A 79 18.10 1.24 -9.40
C ARG A 79 16.99 0.65 -10.27
N PHE A 80 15.91 1.40 -10.46
CA PHE A 80 14.82 0.89 -11.28
C PHE A 80 15.15 0.83 -12.76
N THR A 81 14.66 -0.20 -13.44
CA THR A 81 14.86 -0.37 -14.89
C THR A 81 13.70 -1.18 -15.43
N LYS A 82 13.13 -0.74 -16.55
CA LYS A 82 12.00 -1.45 -17.15
C LYS A 82 12.41 -2.85 -17.59
N GLU A 83 13.72 -3.04 -17.70
CA GLU A 83 14.25 -4.33 -18.13
C GLU A 83 13.87 -5.43 -17.16
N THR A 84 13.97 -5.15 -15.86
CA THR A 84 13.67 -6.12 -14.81
C THR A 84 12.47 -5.74 -13.94
N TYR A 85 12.15 -4.46 -13.90
CA TYR A 85 11.06 -3.97 -13.06
C TYR A 85 11.41 -4.15 -11.60
N ASP A 86 12.70 -4.23 -11.31
CA ASP A 86 13.16 -4.39 -9.93
C ASP A 86 13.23 -2.99 -9.36
N PHE A 87 13.14 -2.88 -8.04
CA PHE A 87 13.17 -1.58 -7.38
C PHE A 87 12.04 -0.69 -7.87
N ASP A 88 10.86 -1.27 -8.11
CA ASP A 88 9.73 -0.49 -8.58
C ASP A 88 9.12 0.30 -7.43
N ILE A 89 9.76 1.42 -7.11
CA ILE A 89 9.32 2.25 -6.00
C ILE A 89 9.72 3.71 -6.15
N ALA A 90 8.82 4.60 -5.72
CA ALA A 90 9.08 6.03 -5.77
C ALA A 90 8.31 6.71 -4.66
N VAL A 91 8.80 7.86 -4.22
CA VAL A 91 8.13 8.62 -3.19
C VAL A 91 7.86 10.01 -3.72
N LEU A 92 6.67 10.51 -3.43
CA LEU A 92 6.26 11.82 -3.88
C LEU A 92 6.12 12.80 -2.72
N ARG A 93 6.78 13.94 -2.85
CA ARG A 93 6.73 15.01 -1.85
C ARG A 93 5.75 16.02 -2.41
N LEU A 94 4.61 16.18 -1.74
CA LEU A 94 3.59 17.12 -2.20
C LEU A 94 3.87 18.57 -1.82
N LYS A 95 3.40 19.47 -2.68
CA LYS A 95 3.57 20.91 -2.48
C LYS A 95 2.81 21.42 -1.26
N THR A 96 1.54 21.03 -1.15
CA THR A 96 0.73 21.42 -0.01
C THR A 96 0.37 20.15 0.76
N PRO A 97 0.28 20.22 2.09
CA PRO A 97 -0.04 19.07 2.95
C PRO A 97 -1.48 18.58 2.86
N ILE A 98 -1.62 17.25 2.93
CA ILE A 98 -2.94 16.63 2.87
C ILE A 98 -3.69 16.89 4.18
N THR A 99 -4.95 17.32 4.10
CA THR A 99 -5.71 17.51 5.32
C THR A 99 -6.50 16.21 5.50
N PHE A 100 -6.30 15.55 6.64
CA PHE A 100 -6.99 14.32 6.88
C PHE A 100 -8.44 14.54 7.28
N ARG A 101 -9.27 13.59 6.91
CA ARG A 101 -10.71 13.63 7.19
C ARG A 101 -11.23 12.29 6.75
N MET A 102 -12.55 12.19 6.67
CA MET A 102 -13.23 10.99 6.23
C MET A 102 -12.71 10.63 4.83
N ASN A 103 -12.26 9.37 4.68
CA ASN A 103 -11.72 8.86 3.44
C ASN A 103 -10.31 9.34 3.14
N VAL A 104 -9.74 10.12 4.04
CA VAL A 104 -8.38 10.61 3.83
C VAL A 104 -7.51 10.42 5.07
N ALA A 105 -6.76 9.33 5.09
CA ALA A 105 -5.87 9.03 6.20
C ALA A 105 -4.67 8.21 5.74
N PRO A 106 -3.52 8.40 6.39
CA PRO A 106 -2.31 7.65 6.01
C PRO A 106 -2.33 6.20 6.50
N ALA A 107 -1.51 5.36 5.87
CA ALA A 107 -1.40 3.96 6.29
C ALA A 107 -0.11 3.93 7.11
N CYS A 108 0.00 3.06 8.09
CA CYS A 108 1.21 2.99 8.90
C CYS A 108 2.37 2.29 8.22
N LEU A 109 3.58 2.77 8.49
CA LEU A 109 4.78 2.14 7.98
C LEU A 109 5.24 1.24 9.12
N PRO A 110 5.46 -0.04 8.84
CA PRO A 110 5.91 -0.96 9.89
C PRO A 110 7.43 -0.93 10.01
N GLU A 111 7.95 -1.65 11.00
CA GLU A 111 9.38 -1.77 11.17
C GLU A 111 9.71 -3.08 10.46
N ARG A 112 10.83 -3.10 9.75
CA ARG A 112 11.27 -4.26 8.97
C ARG A 112 11.11 -5.66 9.58
N ASP A 113 11.83 -5.94 10.66
CA ASP A 113 11.78 -7.26 11.30
C ASP A 113 10.39 -7.72 11.72
N TRP A 114 9.69 -6.88 12.44
CA TRP A 114 8.34 -7.20 12.91
C TRP A 114 7.42 -7.47 11.73
N ALA A 115 7.45 -6.56 10.76
CA ALA A 115 6.62 -6.67 9.56
C ALA A 115 6.83 -8.02 8.87
N GLU A 116 8.10 -8.40 8.68
CA GLU A 116 8.42 -9.67 8.05
C GLU A 116 7.97 -10.84 8.90
N SER A 117 8.15 -10.73 10.20
CA SER A 117 7.75 -11.81 11.11
C SER A 117 6.27 -11.86 11.45
N THR A 118 5.61 -10.71 11.40
CA THR A 118 4.20 -10.70 11.78
C THR A 118 3.20 -10.32 10.68
N LEU A 119 3.57 -9.39 9.81
CA LEU A 119 2.63 -8.99 8.76
C LEU A 119 2.71 -9.89 7.51
N MET A 120 3.92 -10.10 7.01
CA MET A 120 4.13 -10.92 5.81
C MET A 120 3.76 -12.39 5.99
N THR A 121 3.65 -12.84 7.25
CA THR A 121 3.34 -14.22 7.55
C THR A 121 1.84 -14.44 7.74
N GLN A 122 1.08 -13.38 7.52
CA GLN A 122 -0.38 -13.41 7.67
C GLN A 122 -0.94 -14.17 6.45
N LYS A 123 -2.19 -14.59 6.53
CA LYS A 123 -2.76 -15.29 5.39
C LYS A 123 -3.01 -14.34 4.24
N THR A 124 -3.53 -13.15 4.55
CA THR A 124 -3.85 -12.21 3.50
C THR A 124 -3.41 -10.76 3.65
N GLY A 125 -3.71 -10.01 2.60
CA GLY A 125 -3.42 -8.59 2.52
C GLY A 125 -4.51 -7.98 1.66
N ILE A 126 -4.61 -6.66 1.67
CA ILE A 126 -5.65 -6.01 0.89
C ILE A 126 -5.05 -5.09 -0.16
N VAL A 127 -5.51 -5.24 -1.40
CA VAL A 127 -5.05 -4.39 -2.49
C VAL A 127 -6.25 -3.57 -2.95
N SER A 128 -6.01 -2.37 -3.44
CA SER A 128 -7.12 -1.54 -3.87
C SER A 128 -6.75 -0.57 -4.99
N GLY A 129 -7.76 -0.06 -5.67
CA GLY A 129 -7.50 0.87 -6.76
C GLY A 129 -8.67 1.10 -7.69
N PHE A 130 -8.42 1.90 -8.72
CA PHE A 130 -9.42 2.24 -9.73
C PHE A 130 -9.14 1.55 -11.06
N GLY A 131 -8.25 0.55 -11.05
CA GLY A 131 -7.91 -0.16 -12.27
C GLY A 131 -9.07 -0.88 -12.93
N ARG A 132 -8.78 -1.55 -14.04
CA ARG A 132 -9.80 -2.28 -14.79
C ARG A 132 -10.41 -3.40 -13.94
N THR A 133 -11.71 -3.62 -14.13
CA THR A 133 -12.41 -4.66 -13.39
C THR A 133 -12.42 -5.97 -14.16
N HIS A 134 -11.93 -5.90 -15.40
CA HIS A 134 -11.83 -7.05 -16.30
C HIS A 134 -10.55 -6.84 -17.08
N GLU A 135 -9.93 -7.92 -17.55
CA GLU A 135 -8.69 -7.80 -18.30
C GLU A 135 -8.86 -6.88 -19.51
N LYS A 136 -10.03 -6.96 -20.13
CA LYS A 136 -10.36 -6.10 -21.26
C LYS A 136 -11.52 -5.20 -20.81
N GLY A 137 -11.20 -3.92 -20.59
CA GLY A 137 -12.22 -2.99 -20.14
C GLY A 137 -11.63 -1.63 -19.83
N ARG A 138 -12.46 -0.73 -19.34
CA ARG A 138 -12.02 0.61 -18.99
C ARG A 138 -11.69 0.69 -17.50
N GLN A 139 -11.06 1.78 -17.09
CA GLN A 139 -10.69 2.00 -15.70
C GLN A 139 -11.99 2.13 -14.90
N SER A 140 -12.06 1.49 -13.75
CA SER A 140 -13.25 1.56 -12.91
C SER A 140 -13.44 2.99 -12.40
N THR A 141 -14.69 3.39 -12.22
CA THR A 141 -14.98 4.73 -11.71
C THR A 141 -15.17 4.67 -10.20
N ARG A 142 -15.23 3.45 -9.68
CA ARG A 142 -15.41 3.22 -8.25
C ARG A 142 -14.15 2.61 -7.65
N LEU A 143 -13.81 3.03 -6.44
CA LEU A 143 -12.63 2.49 -5.77
C LEU A 143 -12.97 1.11 -5.23
N LYS A 144 -12.14 0.13 -5.55
CA LYS A 144 -12.35 -1.25 -5.10
C LYS A 144 -11.19 -1.77 -4.25
N MET A 145 -11.48 -2.78 -3.45
CA MET A 145 -10.48 -3.41 -2.59
C MET A 145 -10.68 -4.92 -2.72
N LEU A 146 -9.60 -5.67 -2.57
CA LEU A 146 -9.67 -7.12 -2.68
C LEU A 146 -8.69 -7.83 -1.75
N GLU A 147 -9.21 -8.82 -1.04
CA GLU A 147 -8.38 -9.61 -0.15
C GLU A 147 -7.61 -10.62 -0.99
N VAL A 148 -6.28 -10.53 -0.98
CA VAL A 148 -5.44 -11.45 -1.74
C VAL A 148 -4.51 -12.22 -0.82
N PRO A 149 -4.53 -13.56 -0.91
CA PRO A 149 -3.69 -14.43 -0.07
C PRO A 149 -2.22 -14.22 -0.38
N TYR A 150 -1.38 -14.37 0.64
CA TYR A 150 0.07 -14.25 0.43
C TYR A 150 0.41 -15.53 -0.32
N VAL A 151 1.30 -15.43 -1.30
CA VAL A 151 1.68 -16.59 -2.08
C VAL A 151 3.09 -17.09 -1.80
N ASP A 152 3.19 -18.40 -1.63
CA ASP A 152 4.46 -19.10 -1.36
C ASP A 152 5.56 -18.58 -2.28
N ARG A 153 6.66 -18.16 -1.68
CA ARG A 153 7.78 -17.61 -2.42
C ARG A 153 8.30 -18.50 -3.54
N ASN A 154 8.61 -19.75 -3.21
CA ASN A 154 9.09 -20.71 -4.19
C ASN A 154 8.01 -20.94 -5.26
N SER A 155 6.81 -21.22 -4.78
CA SER A 155 5.67 -21.49 -5.64
C SER A 155 5.47 -20.42 -6.71
N CYS A 156 5.60 -19.17 -6.32
CA CYS A 156 5.39 -18.08 -7.25
C CYS A 156 6.49 -17.92 -8.29
N LYS A 157 7.74 -18.22 -7.91
CA LYS A 157 8.84 -18.09 -8.86
C LYS A 157 8.61 -19.07 -10.00
N LEU A 158 8.09 -20.25 -9.68
CA LEU A 158 7.85 -21.25 -10.70
C LEU A 158 6.79 -20.77 -11.67
N SER A 159 5.81 -20.06 -11.15
CA SER A 159 4.71 -19.56 -11.97
C SER A 159 5.07 -18.37 -12.85
N SER A 160 6.17 -17.68 -12.53
CA SER A 160 6.57 -16.50 -13.27
C SER A 160 7.45 -16.69 -14.51
N SER A 161 7.19 -15.87 -15.52
CA SER A 161 7.92 -15.89 -16.78
C SER A 161 9.01 -14.84 -16.69
N PHE A 162 9.21 -14.32 -15.50
CA PHE A 162 10.21 -13.30 -15.26
C PHE A 162 10.85 -13.59 -13.91
N ILE A 163 12.06 -13.09 -13.72
CA ILE A 163 12.76 -13.30 -12.47
C ILE A 163 12.10 -12.55 -11.33
N ILE A 164 11.71 -13.25 -10.28
CA ILE A 164 11.14 -12.61 -9.11
C ILE A 164 12.34 -12.29 -8.21
N THR A 165 12.65 -11.00 -8.06
CA THR A 165 13.76 -10.59 -7.21
C THR A 165 13.33 -10.56 -5.75
N GLN A 166 14.28 -10.33 -4.84
CA GLN A 166 13.95 -10.26 -3.42
C GLN A 166 13.23 -8.97 -3.08
N ASN A 167 13.14 -8.06 -4.04
CA ASN A 167 12.44 -6.79 -3.80
C ASN A 167 11.00 -6.94 -4.22
N MET A 168 10.59 -8.18 -4.46
CA MET A 168 9.22 -8.43 -4.91
C MET A 168 8.61 -9.60 -4.14
N PHE A 169 7.28 -9.65 -4.13
CA PHE A 169 6.55 -10.75 -3.49
C PHE A 169 5.23 -10.96 -4.24
N CYS A 170 4.66 -12.15 -4.11
CA CYS A 170 3.43 -12.50 -4.80
C CYS A 170 2.23 -12.63 -3.89
N ALA A 171 1.07 -12.28 -4.42
CA ALA A 171 -0.20 -12.34 -3.68
C ALA A 171 -1.31 -12.55 -4.70
N GLY A 172 -2.37 -13.25 -4.30
CA GLY A 172 -3.46 -13.48 -5.22
C GLY A 172 -3.99 -14.90 -5.23
N TYR A 173 -4.52 -15.31 -6.39
CA TYR A 173 -5.08 -16.64 -6.57
C TYR A 173 -4.55 -17.29 -7.83
N ASP A 174 -4.31 -18.61 -7.75
CA ASP A 174 -3.82 -19.36 -8.89
C ASP A 174 -4.92 -19.46 -9.93
N THR A 175 -6.12 -19.85 -9.49
CA THR A 175 -7.26 -20.00 -10.39
C THR A 175 -8.36 -18.94 -10.20
N LYS A 176 -8.92 -18.87 -8.99
CA LYS A 176 -9.98 -17.91 -8.67
C LYS A 176 -9.84 -16.60 -9.43
N GLN A 177 -10.95 -16.12 -10.00
CA GLN A 177 -10.95 -14.89 -10.79
C GLN A 177 -11.00 -13.57 -10.02
N GLU A 178 -9.99 -13.33 -9.19
CA GLU A 178 -9.87 -12.11 -8.41
C GLU A 178 -8.40 -11.74 -8.44
N ASP A 179 -8.11 -10.51 -8.83
CA ASP A 179 -6.73 -10.07 -8.93
C ASP A 179 -6.72 -8.58 -9.20
N ALA A 180 -5.55 -7.97 -9.10
CA ALA A 180 -5.42 -6.55 -9.39
C ALA A 180 -5.46 -6.53 -10.91
N CYS A 181 -5.45 -5.34 -11.49
CA CYS A 181 -5.49 -5.23 -12.93
C CYS A 181 -4.80 -3.97 -13.41
N GLN A 182 -4.86 -3.72 -14.71
CA GLN A 182 -4.21 -2.54 -15.28
C GLN A 182 -4.78 -1.23 -14.72
N GLY A 183 -3.90 -0.38 -14.21
CA GLY A 183 -4.34 0.88 -13.66
C GLY A 183 -4.18 0.88 -12.15
N ASP A 184 -4.17 -0.30 -11.55
CA ASP A 184 -4.02 -0.44 -10.10
C ASP A 184 -2.56 -0.28 -9.66
N SER A 185 -1.64 -0.21 -10.62
CA SER A 185 -0.22 -0.07 -10.32
C SER A 185 0.08 1.14 -9.43
N GLY A 186 1.09 1.01 -8.58
CA GLY A 186 1.46 2.08 -7.67
C GLY A 186 0.56 2.12 -6.46
N GLY A 187 -0.54 1.38 -6.55
CA GLY A 187 -1.50 1.33 -5.46
C GLY A 187 -1.06 0.60 -4.21
N PRO A 188 -1.87 0.71 -3.15
CA PRO A 188 -1.58 0.07 -1.87
C PRO A 188 -1.87 -1.41 -1.67
N HIS A 189 -0.95 -2.05 -0.97
CA HIS A 189 -1.11 -3.43 -0.56
C HIS A 189 -0.90 -3.23 0.94
N VAL A 190 -1.93 -3.49 1.73
CA VAL A 190 -1.83 -3.31 3.16
C VAL A 190 -2.23 -4.57 3.93
N THR A 191 -1.60 -4.76 5.08
CA THR A 191 -1.89 -5.92 5.89
C THR A 191 -2.52 -5.46 7.19
N ARG A 192 -3.62 -6.11 7.55
CA ARG A 192 -4.33 -5.77 8.77
C ARG A 192 -3.81 -6.53 9.99
N PHE A 193 -3.57 -5.79 11.05
CA PHE A 193 -3.14 -6.40 12.30
C PHE A 193 -3.84 -5.68 13.45
N LYS A 194 -4.77 -6.38 14.11
CA LYS A 194 -5.54 -5.83 15.22
C LYS A 194 -6.24 -4.52 14.87
N ASP A 195 -6.92 -4.52 13.74
CA ASP A 195 -7.66 -3.35 13.26
C ASP A 195 -6.81 -2.12 12.92
N THR A 196 -5.56 -2.37 12.56
CA THR A 196 -4.65 -1.30 12.13
C THR A 196 -4.01 -1.82 10.85
N TYR A 197 -3.95 -0.97 9.84
CA TYR A 197 -3.41 -1.38 8.56
C TYR A 197 -2.04 -0.81 8.23
N PHE A 198 -1.08 -1.71 8.00
CA PHE A 198 0.28 -1.30 7.65
C PHE A 198 0.57 -1.48 6.16
N VAL A 199 1.29 -0.54 5.55
CA VAL A 199 1.63 -0.66 4.14
C VAL A 199 2.67 -1.76 4.01
N THR A 200 2.37 -2.76 3.19
CA THR A 200 3.30 -3.86 3.01
C THR A 200 3.78 -4.02 1.58
N GLY A 201 2.98 -3.55 0.63
CA GLY A 201 3.36 -3.66 -0.76
C GLY A 201 2.82 -2.58 -1.67
N ILE A 202 3.39 -2.53 -2.88
CA ILE A 202 3.01 -1.58 -3.91
C ILE A 202 2.64 -2.41 -5.13
N VAL A 203 1.51 -2.09 -5.77
CA VAL A 203 1.12 -2.84 -6.95
C VAL A 203 2.19 -2.61 -8.01
N SER A 204 2.88 -3.68 -8.37
CA SER A 204 3.97 -3.59 -9.33
C SER A 204 3.61 -4.05 -10.75
N TRP A 205 3.38 -5.35 -10.92
CA TRP A 205 3.05 -5.88 -12.23
C TRP A 205 2.42 -7.28 -12.16
N GLY A 206 1.95 -7.72 -13.32
CA GLY A 206 1.33 -9.03 -13.43
C GLY A 206 1.17 -9.42 -14.89
N GLU A 207 1.31 -10.72 -15.18
CA GLU A 207 1.16 -11.21 -16.55
C GLU A 207 -0.34 -11.33 -16.80
N GLY A 208 -0.95 -10.22 -17.16
CA GLY A 208 -2.38 -10.20 -17.41
C GLY A 208 -3.09 -9.94 -16.10
N CYS A 209 -4.35 -10.38 -16.01
CA CYS A 209 -5.12 -10.17 -14.79
C CYS A 209 -6.02 -11.34 -14.46
N ALA A 210 -5.76 -11.94 -13.30
CA ALA A 210 -6.54 -13.08 -12.81
C ALA A 210 -6.37 -14.37 -13.61
N ARG A 211 -5.44 -14.38 -14.56
CA ARG A 211 -5.21 -15.59 -15.36
C ARG A 211 -4.89 -16.81 -14.49
N LYS A 212 -5.34 -17.97 -14.93
CA LYS A 212 -5.08 -19.21 -14.21
C LYS A 212 -3.58 -19.47 -14.19
N GLY A 213 -3.07 -19.87 -13.03
CA GLY A 213 -1.65 -20.13 -12.91
C GLY A 213 -0.74 -18.92 -12.77
N LYS A 214 -1.32 -17.72 -12.67
CA LYS A 214 -0.51 -16.51 -12.50
C LYS A 214 -0.89 -15.79 -11.21
N TYR A 215 -0.02 -14.87 -10.79
CA TYR A 215 -0.22 -14.12 -9.55
C TYR A 215 0.10 -12.64 -9.68
N GLY A 216 -0.30 -11.86 -8.68
CA GLY A 216 0.00 -10.44 -8.67
C GLY A 216 1.40 -10.25 -8.07
N ILE A 217 2.19 -9.36 -8.64
CA ILE A 217 3.55 -9.11 -8.16
C ILE A 217 3.67 -7.72 -7.53
N TYR A 218 3.98 -7.69 -6.24
CA TYR A 218 4.10 -6.42 -5.52
C TYR A 218 5.50 -6.15 -5.04
N THR A 219 5.83 -4.88 -4.88
CA THR A 219 7.13 -4.48 -4.38
C THR A 219 7.11 -4.63 -2.87
N LYS A 220 8.08 -5.36 -2.33
CA LYS A 220 8.15 -5.58 -0.89
C LYS A 220 8.61 -4.31 -0.19
N VAL A 221 7.69 -3.69 0.53
CA VAL A 221 7.98 -2.46 1.24
C VAL A 221 9.01 -2.62 2.36
N THR A 222 9.08 -3.80 2.97
CA THR A 222 10.06 -4.02 4.05
C THR A 222 11.49 -3.94 3.52
N ALA A 223 11.66 -4.20 2.23
CA ALA A 223 12.99 -4.15 1.63
C ALA A 223 13.45 -2.71 1.36
N PHE A 224 12.54 -1.74 1.50
CA PHE A 224 12.91 -0.35 1.25
C PHE A 224 12.57 0.63 2.37
N LEU A 225 12.20 0.12 3.53
CA LEU A 225 11.85 1.00 4.64
C LEU A 225 12.89 2.07 4.90
N LYS A 226 14.16 1.68 4.90
CA LYS A 226 15.24 2.64 5.11
C LYS A 226 15.24 3.67 4.00
N TRP A 227 15.17 3.19 2.76
CA TRP A 227 15.14 4.07 1.58
C TRP A 227 13.96 5.05 1.70
N ILE A 228 12.84 4.54 2.19
CA ILE A 228 11.64 5.34 2.36
C ILE A 228 11.87 6.42 3.41
N ASP A 229 12.54 6.05 4.49
CA ASP A 229 12.83 6.98 5.57
C ASP A 229 13.71 8.12 5.08
N ARG A 230 14.75 7.78 4.33
CA ARG A 230 15.64 8.81 3.81
C ARG A 230 14.88 9.69 2.83
N SER A 231 14.02 9.09 2.02
CA SER A 231 13.25 9.84 1.04
C SER A 231 12.25 10.81 1.68
N MET A 232 11.73 10.49 2.85
CA MET A 232 10.78 11.38 3.51
C MET A 232 11.47 12.52 4.25
N LYS A 233 12.78 12.42 4.44
CA LYS A 233 13.52 13.46 5.13
C LYS A 233 14.14 14.44 4.13
N THR A 234 14.58 13.90 2.99
CA THR A 234 15.17 14.72 1.94
C THR A 234 14.05 15.33 1.11
N LYS B 1 6.36 -17.83 23.98
CA LYS B 1 7.63 -17.57 23.24
C LYS B 1 7.85 -16.08 23.02
N LEU B 2 7.54 -15.27 24.03
CA LEU B 2 7.70 -13.82 23.95
C LEU B 2 6.93 -13.24 22.76
N CYS B 3 7.64 -12.59 21.85
CA CYS B 3 7.02 -11.98 20.67
C CYS B 3 6.37 -13.03 19.77
N SER B 4 6.81 -14.28 19.87
CA SER B 4 6.25 -15.35 19.04
C SER B 4 4.91 -15.80 19.59
N LEU B 5 4.60 -15.38 20.81
CA LEU B 5 3.35 -15.73 21.47
C LEU B 5 2.41 -14.52 21.44
N ASP B 6 1.42 -14.55 20.54
CA ASP B 6 0.44 -13.49 20.35
C ASP B 6 1.07 -12.10 20.35
N ASN B 7 2.10 -11.93 19.53
CA ASN B 7 2.79 -10.65 19.39
C ASN B 7 3.20 -10.09 20.77
N GLY B 8 3.43 -10.99 21.73
CA GLY B 8 3.83 -10.60 23.07
C GLY B 8 2.85 -9.64 23.71
N ASP B 9 1.58 -9.75 23.30
CA ASP B 9 0.51 -8.91 23.83
C ASP B 9 0.61 -7.43 23.43
N CYS B 10 1.48 -7.11 22.47
CA CYS B 10 1.64 -5.72 22.02
C CYS B 10 0.55 -5.35 21.02
N ASP B 11 0.15 -4.09 21.02
CA ASP B 11 -0.86 -3.61 20.08
C ASP B 11 -0.19 -3.57 18.70
N GLN B 12 1.02 -3.04 18.67
CA GLN B 12 1.76 -2.92 17.43
C GLN B 12 3.12 -3.62 17.43
N PHE B 13 4.20 -2.86 17.24
CA PHE B 13 5.52 -3.47 17.19
C PHE B 13 5.93 -4.22 18.46
N CYS B 14 6.56 -5.38 18.26
CA CYS B 14 7.04 -6.19 19.38
C CYS B 14 8.50 -6.58 19.17
N HIS B 15 9.35 -6.25 20.14
CA HIS B 15 10.78 -6.57 20.08
C HIS B 15 11.20 -7.33 21.32
N GLU B 16 12.42 -7.86 21.29
CA GLU B 16 12.97 -8.59 22.42
C GLU B 16 14.29 -7.97 22.85
N GLU B 17 14.27 -7.29 23.98
CA GLU B 17 15.46 -6.66 24.52
C GLU B 17 15.86 -7.33 25.82
N GLN B 18 17.04 -7.94 25.84
CA GLN B 18 17.54 -8.65 27.01
C GLN B 18 16.60 -9.80 27.39
N ASN B 19 16.16 -10.53 26.37
CA ASN B 19 15.27 -11.67 26.55
C ASN B 19 13.96 -11.31 27.27
N SER B 20 13.29 -10.30 26.74
CA SER B 20 12.01 -9.84 27.30
C SER B 20 11.25 -9.03 26.25
N VAL B 21 9.92 -9.08 26.32
CA VAL B 21 9.08 -8.35 25.38
C VAL B 21 9.16 -6.84 25.54
N VAL B 22 9.28 -6.15 24.42
CA VAL B 22 9.31 -4.69 24.42
C VAL B 22 8.38 -4.26 23.30
N CYS B 23 7.33 -3.53 23.66
CA CYS B 23 6.35 -3.06 22.69
C CYS B 23 6.66 -1.65 22.26
N SER B 24 6.42 -1.36 20.98
CA SER B 24 6.63 -0.02 20.44
C SER B 24 5.45 0.29 19.52
N CYS B 25 5.40 1.53 19.01
CA CYS B 25 4.28 1.98 18.16
C CYS B 25 4.75 2.80 16.96
N ALA B 26 3.88 2.94 15.96
CA ALA B 26 4.20 3.74 14.77
C ALA B 26 3.99 5.21 15.11
N ARG B 27 4.48 6.11 14.25
CA ARG B 27 4.32 7.54 14.50
C ARG B 27 2.84 7.88 14.65
N GLY B 28 2.55 8.81 15.57
CA GLY B 28 1.18 9.23 15.78
C GLY B 28 0.51 8.43 16.88
N TYR B 29 1.27 7.55 17.51
CA TYR B 29 0.77 6.72 18.59
C TYR B 29 1.75 6.82 19.74
N THR B 30 1.22 6.76 20.97
CA THR B 30 2.08 6.79 22.14
C THR B 30 1.86 5.46 22.84
N LEU B 31 2.92 4.92 23.41
CA LEU B 31 2.82 3.66 24.14
C LEU B 31 2.08 3.95 25.44
N ALA B 32 1.07 3.14 25.74
CA ALA B 32 0.26 3.32 26.95
C ALA B 32 1.04 2.95 28.21
N ASP B 33 0.60 3.46 29.35
CA ASP B 33 1.26 3.18 30.60
C ASP B 33 1.58 1.70 30.79
N ASN B 34 0.72 0.83 30.26
CA ASN B 34 0.95 -0.61 30.38
C ASN B 34 2.08 -1.09 29.46
N GLY B 35 2.68 -0.17 28.73
CA GLY B 35 3.75 -0.52 27.82
C GLY B 35 3.37 -1.58 26.79
N LYS B 36 2.08 -1.65 26.44
CA LYS B 36 1.61 -2.63 25.48
C LYS B 36 0.69 -2.03 24.43
N ALA B 37 -0.24 -1.19 24.89
CA ALA B 37 -1.22 -0.55 24.00
C ALA B 37 -0.66 0.68 23.31
N CYS B 38 -1.21 0.99 22.13
CA CYS B 38 -0.79 2.17 21.38
C CYS B 38 -1.95 3.16 21.41
N ILE B 39 -1.66 4.37 21.88
CA ILE B 39 -2.67 5.40 21.98
C ILE B 39 -2.51 6.44 20.88
N PRO B 40 -3.53 6.60 20.03
CA PRO B 40 -3.45 7.59 18.96
C PRO B 40 -3.44 8.99 19.54
N THR B 41 -2.68 9.90 18.92
CA THR B 41 -2.57 11.27 19.42
C THR B 41 -3.53 12.23 18.72
N GLY B 42 -3.92 11.91 17.49
CA GLY B 42 -4.82 12.80 16.75
C GLY B 42 -6.08 12.11 16.27
N PRO B 43 -6.97 12.85 15.59
CA PRO B 43 -8.24 12.32 15.07
C PRO B 43 -8.09 11.35 13.91
N TYR B 44 -6.94 11.39 13.24
CA TYR B 44 -6.72 10.51 12.12
C TYR B 44 -5.39 9.76 12.16
N PRO B 45 -5.26 8.81 13.11
CA PRO B 45 -4.02 8.03 13.25
C PRO B 45 -3.81 7.11 12.04
N CYS B 46 -2.55 6.91 11.66
CA CYS B 46 -2.25 6.05 10.52
C CYS B 46 -2.81 4.66 10.73
N GLY B 47 -3.15 4.00 9.62
CA GLY B 47 -3.67 2.64 9.70
C GLY B 47 -5.09 2.44 10.19
N LYS B 48 -5.81 3.51 10.49
CA LYS B 48 -7.18 3.35 10.94
C LYS B 48 -8.18 3.82 9.89
N GLN B 49 -9.16 2.98 9.62
CA GLN B 49 -10.21 3.32 8.66
C GLN B 49 -11.00 4.48 9.27
N THR B 50 -11.38 5.45 8.45
CA THR B 50 -12.13 6.59 8.96
C THR B 50 -13.62 6.25 8.99
N LEU B 51 -14.08 5.81 10.14
CA LEU B 51 -15.48 5.44 10.30
C LEU B 51 -16.13 6.34 11.33
N GLU B 52 -16.57 7.51 10.87
CA GLU B 52 -17.22 8.50 11.72
C GLU B 52 -18.71 8.61 11.43
C1 ME4 C . 0.50 -4.84 -18.50
C2 ME4 C . 0.49 -4.61 -20.02
C3 ME4 C . 0.27 -5.94 -20.75
C8 ME4 C . -0.95 -4.75 -15.68
C10 ME4 C . -0.94 -5.27 -14.30
C11 ME4 C . -1.67 -6.53 -14.01
C12 ME4 C . -1.63 -7.05 -12.64
C13 ME4 C . -0.86 -6.32 -11.59
C14 ME4 C . -1.02 -7.10 -10.37
C15 ME4 C . -1.82 -8.17 -10.75
C19 ME4 C . -0.18 -4.55 -13.26
C21 ME4 C . 2.35 -5.56 -17.05
C24 ME4 C . 3.97 -7.54 -17.11
C27 ME4 C . 6.13 -5.63 -16.52
N29 ME4 C . 7.78 -7.47 -16.60
C30 ME4 C . 8.25 -8.13 -15.47
C31 ME4 C . 9.68 -8.29 -15.37
C32 ME4 C . 10.61 -7.86 -16.38
C33 ME4 C . 10.15 -7.20 -17.56
C34 ME4 C . 8.68 -6.97 -17.66
C4 ME4 C . -1.05 -6.59 -20.31
C5 ME4 C . -1.07 -6.82 -18.79
C6 ME4 C . -0.85 -5.47 -18.06
N7 ME4 C . -0.95 -5.73 -16.63
O9 ME4 C . -0.92 -3.55 -15.97
N16 ME4 C . -2.19 -8.17 -12.07
CL17 ME4 C . -0.36 -6.91 -8.75
C18 ME4 C . -0.15 -5.10 -11.90
N20 ME4 C . 1.68 -5.68 -18.21
O22 ME4 C . 1.86 -5.02 -16.06
C23 ME4 C . 3.71 -6.11 -16.97
C25 ME4 C . 5.33 -8.04 -16.96
C26 ME4 C . 6.42 -7.07 -16.66
C28 ME4 C . 4.77 -5.14 -16.67
O35 ME4 C . 8.25 -6.32 -18.62
#